data_5V7T
#
_entry.id   5V7T
#
_cell.length_a   83.301
_cell.length_b   83.301
_cell.length_c   129.940
_cell.angle_alpha   90.00
_cell.angle_beta   90.00
_cell.angle_gamma   120.00
#
_symmetry.space_group_name_H-M   'P 62 2 2'
#
loop_
_entity.id
_entity.type
_entity.pdbx_description
1 polymer 'Poly [ADP-ribose] polymerase 14'
2 non-polymer N-{4-[4-(diphenylmethoxy)piperidin-1-yl]butyl}[1,2,4]triazolo[4,3-b]pyridazin-6-amine
3 water water
#
_entity_poly.entity_id   1
_entity_poly.type   'polypeptide(L)'
_entity_poly.pdbx_seq_one_letter_code
;GGSDMKQQNFCVVELLPSDPEYNTVASKFNQTCSHFRIEKIERIQNPDLWNSYQAKKKTMDAKNGQTMNEKQLFHGTDAG
SVPHVNRNGFNRSYAGKNAVAYGKGTYFAVNANYSANDTYSRPDANGRKHVYYVRVLTGIYTHGNHSLIVPPSKNPQNPT
DLYDTVTDNVHHPSLFVAFYDYQAYPEYLITFRK
;
_entity_poly.pdbx_strand_id   A
#
# COMPACT_ATOMS: atom_id res chain seq x y z
N LYS A 6 -11.31 13.65 -11.48
CA LYS A 6 -10.09 14.51 -11.52
C LYS A 6 -9.81 15.24 -10.19
N GLN A 7 -10.86 15.64 -9.48
CA GLN A 7 -10.73 16.31 -8.17
C GLN A 7 -10.06 15.38 -7.14
N GLN A 8 -10.60 14.17 -7.04
CA GLN A 8 -10.15 13.18 -6.05
C GLN A 8 -10.27 13.66 -4.60
N ASN A 9 -11.41 14.24 -4.28
CA ASN A 9 -11.75 14.53 -2.88
C ASN A 9 -12.01 13.22 -2.17
N PHE A 10 -11.97 13.25 -0.84
CA PHE A 10 -12.02 12.04 -0.06
C PHE A 10 -12.66 12.30 1.28
N CYS A 11 -13.10 11.21 1.92
CA CYS A 11 -13.58 11.26 3.29
C CYS A 11 -12.71 10.34 4.11
N VAL A 12 -12.58 10.62 5.40
CA VAL A 12 -11.82 9.76 6.29
C VAL A 12 -12.73 9.26 7.41
N VAL A 13 -12.92 7.94 7.46
CA VAL A 13 -13.86 7.31 8.39
C VAL A 13 -13.15 6.43 9.40
N GLU A 14 -13.26 6.79 10.67
CA GLU A 14 -12.64 6.02 11.74
C GLU A 14 -13.46 4.77 11.99
N LEU A 15 -12.83 3.61 11.86
CA LEU A 15 -13.51 2.35 12.10
C LEU A 15 -13.71 2.11 13.59
N LEU A 16 -14.84 1.50 13.93
CA LEU A 16 -15.06 0.98 15.28
C LEU A 16 -14.14 -0.23 15.53
N PRO A 17 -13.44 -0.25 16.69
CA PRO A 17 -12.66 -1.43 17.08
C PRO A 17 -13.47 -2.75 17.07
N SER A 18 -14.76 -2.66 17.38
CA SER A 18 -15.67 -3.80 17.33
C SER A 18 -16.10 -4.22 15.91
N ASP A 19 -15.68 -3.45 14.91
CA ASP A 19 -16.03 -3.69 13.51
C ASP A 19 -15.14 -4.80 12.95
N PRO A 20 -15.73 -5.81 12.29
CA PRO A 20 -14.93 -6.92 11.71
C PRO A 20 -13.84 -6.43 10.77
N GLU A 21 -14.14 -5.38 10.03
CA GLU A 21 -13.20 -4.73 9.13
C GLU A 21 -11.98 -4.20 9.87
N TYR A 22 -12.22 -3.55 11.02
CA TYR A 22 -11.13 -3.11 11.89
C TYR A 22 -10.33 -4.33 12.36
N ASN A 23 -11.02 -5.33 12.88
CA ASN A 23 -10.35 -6.52 13.38
C ASN A 23 -9.48 -7.19 12.30
N THR A 24 -10.01 -7.30 11.09
CA THR A 24 -9.27 -7.82 9.95
C THR A 24 -7.97 -7.05 9.72
N VAL A 25 -8.06 -5.72 9.69
CA VAL A 25 -6.88 -4.90 9.44
C VAL A 25 -5.93 -4.94 10.63
N ALA A 26 -6.47 -4.74 11.82
CA ALA A 26 -5.69 -4.83 13.06
C ALA A 26 -4.93 -6.15 13.15
N SER A 27 -5.60 -7.24 12.77
CA SER A 27 -5.03 -8.59 12.88
C SER A 27 -3.82 -8.84 11.98
N LYS A 28 -3.88 -8.35 10.74
CA LYS A 28 -2.77 -8.47 9.80
C LYS A 28 -1.57 -7.64 10.28
N PHE A 29 -1.86 -6.43 10.73
CA PHE A 29 -0.87 -5.55 11.35
C PHE A 29 -0.16 -6.27 12.48
N ASN A 30 -0.95 -6.87 13.38
CA ASN A 30 -0.41 -7.54 14.57
C ASN A 30 0.25 -8.91 14.34
N GLN A 31 0.16 -9.45 13.12
CA GLN A 31 0.96 -10.62 12.78
C GLN A 31 2.44 -10.34 13.06
N THR A 32 2.84 -9.09 12.85
CA THR A 32 4.22 -8.68 13.11
C THR A 32 4.40 -7.42 13.97
N CYS A 33 3.30 -6.70 14.26
CA CYS A 33 3.38 -5.44 15.03
C CYS A 33 2.54 -5.44 16.32
N SER A 34 2.27 -6.60 16.89
CA SER A 34 1.48 -6.66 18.13
C SER A 34 2.06 -5.86 19.31
N HIS A 35 3.38 -5.64 19.32
CA HIS A 35 4.02 -4.88 20.40
C HIS A 35 3.84 -3.36 20.27
N PHE A 36 3.31 -2.90 19.15
CA PHE A 36 2.88 -1.51 19.02
C PHE A 36 1.46 -1.37 19.53
N ARG A 37 1.06 -0.13 19.81
CA ARG A 37 -0.29 0.19 20.27
C ARG A 37 -1.05 0.95 19.19
N ILE A 38 -2.16 0.38 18.72
CA ILE A 38 -2.96 0.99 17.68
C ILE A 38 -3.87 2.05 18.30
N GLU A 39 -3.71 3.31 17.85
CA GLU A 39 -4.51 4.41 18.38
C GLU A 39 -5.84 4.51 17.63
N LYS A 40 -5.78 4.40 16.31
CA LYS A 40 -6.99 4.26 15.50
C LYS A 40 -6.70 3.73 14.11
N ILE A 41 -7.75 3.26 13.44
CA ILE A 41 -7.67 2.83 12.05
C ILE A 41 -8.79 3.51 11.28
N GLU A 42 -8.45 4.15 10.16
CA GLU A 42 -9.45 4.81 9.33
C GLU A 42 -9.45 4.22 7.94
N ARG A 43 -10.61 4.28 7.29
CA ARG A 43 -10.75 3.91 5.88
C ARG A 43 -10.75 5.18 5.04
N ILE A 44 -9.99 5.18 3.95
CA ILE A 44 -9.91 6.32 3.05
C ILE A 44 -10.89 6.12 1.90
N GLN A 45 -11.89 6.99 1.81
CA GLN A 45 -12.91 6.91 0.76
C GLN A 45 -12.71 7.99 -0.29
N ASN A 46 -12.05 7.62 -1.37
CA ASN A 46 -11.77 8.49 -2.51
C ASN A 46 -12.36 7.84 -3.77
N PRO A 47 -13.63 8.18 -4.09
CA PRO A 47 -14.35 7.63 -5.24
C PRO A 47 -13.56 7.67 -6.55
N ASP A 48 -13.04 8.84 -6.90
CA ASP A 48 -12.30 8.99 -8.16
C ASP A 48 -11.07 8.09 -8.19
N LEU A 49 -10.25 8.19 -7.15
CA LEU A 49 -9.02 7.40 -7.05
C LEU A 49 -9.31 5.89 -7.12
N TRP A 50 -10.45 5.48 -6.54
CA TRP A 50 -10.88 4.09 -6.51
C TRP A 50 -11.25 3.57 -7.91
N ASN A 51 -12.01 4.35 -8.66
CA ASN A 51 -12.41 3.97 -10.01
C ASN A 51 -11.22 3.87 -10.96
N SER A 52 -10.29 4.80 -10.86
CA SER A 52 -9.04 4.74 -11.62
C SER A 52 -8.24 3.49 -11.27
N TYR A 53 -8.16 3.19 -9.98
CA TYR A 53 -7.50 1.97 -9.51
C TYR A 53 -8.17 0.72 -10.05
N GLN A 54 -9.51 0.67 -9.95
CA GLN A 54 -10.27 -0.46 -10.46
C GLN A 54 -10.20 -0.58 -11.97
N ALA A 55 -10.12 0.54 -12.66
CA ALA A 55 -9.99 0.54 -14.12
C ALA A 55 -8.74 -0.22 -14.53
N LYS A 56 -7.63 0.11 -13.88
CA LYS A 56 -6.36 -0.53 -14.13
C LYS A 56 -6.39 -1.98 -13.68
N LYS A 57 -7.12 -2.26 -12.61
CA LYS A 57 -7.27 -3.63 -12.16
C LYS A 57 -8.05 -4.47 -13.15
N LYS A 58 -9.14 -3.93 -13.68
CA LYS A 58 -9.93 -4.62 -14.71
C LYS A 58 -9.06 -4.90 -15.94
N THR A 59 -8.29 -3.89 -16.34
CA THR A 59 -7.34 -4.02 -17.44
C THR A 59 -6.27 -5.08 -17.14
N MET A 60 -5.77 -5.10 -15.91
CA MET A 60 -4.78 -6.09 -15.54
C MET A 60 -5.38 -7.49 -15.40
N ASP A 61 -6.61 -7.55 -14.89
CA ASP A 61 -7.33 -8.80 -14.75
C ASP A 61 -7.47 -9.50 -16.09
N ALA A 62 -7.85 -8.73 -17.11
CA ALA A 62 -8.07 -9.28 -18.44
C ALA A 62 -6.78 -9.75 -19.13
N LYS A 63 -5.62 -9.26 -18.66
CA LYS A 63 -4.34 -9.55 -19.33
C LYS A 63 -3.48 -10.64 -18.64
N ASN A 64 -3.64 -10.82 -17.33
CA ASN A 64 -2.75 -11.71 -16.57
C ASN A 64 -3.30 -13.11 -16.24
N GLY A 65 -4.36 -13.52 -16.92
CA GLY A 65 -4.85 -14.89 -16.82
C GLY A 65 -5.27 -15.27 -15.41
N GLN A 66 -4.75 -16.40 -14.94
CA GLN A 66 -5.01 -16.90 -13.58
C GLN A 66 -4.39 -16.06 -12.45
N THR A 67 -3.52 -15.10 -12.78
CA THR A 67 -2.77 -14.43 -11.73
C THR A 67 -3.72 -13.66 -10.82
N MET A 68 -3.48 -13.76 -9.51
CA MET A 68 -4.17 -12.91 -8.55
C MET A 68 -3.36 -11.63 -8.48
N ASN A 69 -3.82 -10.62 -9.20
CA ASN A 69 -3.06 -9.40 -9.42
C ASN A 69 -2.95 -8.47 -8.22
N GLU A 70 -3.79 -8.66 -7.22
CA GLU A 70 -3.83 -7.73 -6.09
C GLU A 70 -3.35 -8.36 -4.80
N LYS A 71 -2.58 -7.56 -4.04
CA LYS A 71 -2.17 -7.91 -2.69
C LYS A 71 -2.43 -6.72 -1.79
N GLN A 72 -2.58 -7.00 -0.50
CA GLN A 72 -2.74 -5.95 0.47
C GLN A 72 -1.43 -5.82 1.22
N LEU A 73 -0.74 -4.72 0.96
CA LEU A 73 0.59 -4.49 1.50
C LEU A 73 0.60 -3.25 2.40
N PHE A 74 1.67 -3.09 3.17
CA PHE A 74 1.80 -1.96 4.09
C PHE A 74 2.75 -0.88 3.57
N HIS A 75 2.48 0.38 3.93
CA HIS A 75 3.35 1.49 3.57
C HIS A 75 3.47 2.52 4.69
N GLY A 76 4.69 2.67 5.19
CA GLY A 76 4.99 3.64 6.22
C GLY A 76 5.25 4.98 5.60
N THR A 77 4.70 6.02 6.21
CA THR A 77 4.89 7.38 5.73
C THR A 77 4.93 8.34 6.92
N ASP A 78 5.26 9.59 6.67
CA ASP A 78 5.28 10.55 7.77
C ASP A 78 3.89 11.14 7.93
N ALA A 79 3.66 11.76 9.09
CA ALA A 79 2.36 12.36 9.39
C ALA A 79 1.91 13.37 8.33
N GLY A 80 2.85 14.17 7.84
CA GLY A 80 2.53 15.27 6.93
C GLY A 80 2.07 14.87 5.54
N SER A 81 2.45 13.67 5.11
CA SER A 81 2.10 13.15 3.80
C SER A 81 0.71 12.53 3.74
N VAL A 82 0.11 12.31 4.91
CA VAL A 82 -1.18 11.63 4.99
C VAL A 82 -2.25 12.34 4.14
N PRO A 83 -2.37 13.66 4.25
CA PRO A 83 -3.34 14.35 3.37
C PRO A 83 -3.04 14.19 1.88
N HIS A 84 -1.77 14.26 1.50
CA HIS A 84 -1.38 14.09 0.10
C HIS A 84 -1.72 12.70 -0.43
N VAL A 85 -1.55 11.68 0.41
CA VAL A 85 -1.76 10.30 0.00
C VAL A 85 -3.24 10.00 -0.06
N ASN A 86 -4.00 10.54 0.87
CA ASN A 86 -5.44 10.33 0.86
C ASN A 86 -6.07 10.80 -0.45
N ARG A 87 -5.53 11.89 -0.98
CA ARG A 87 -6.06 12.49 -2.21
C ARG A 87 -5.47 11.86 -3.49
N ASN A 88 -4.14 11.78 -3.54
CA ASN A 88 -3.43 11.38 -4.76
C ASN A 88 -2.89 9.97 -4.75
N GLY A 89 -3.11 9.24 -3.66
CA GLY A 89 -2.48 7.93 -3.49
C GLY A 89 -0.97 8.06 -3.58
N PHE A 90 -0.35 7.13 -4.30
CA PHE A 90 1.09 7.06 -4.38
C PHE A 90 1.59 7.39 -5.78
N ASN A 91 0.93 8.35 -6.43
CA ASN A 91 1.33 8.78 -7.76
C ASN A 91 2.64 9.54 -7.71
N LYS A 104 12.73 3.87 -9.23
CA LYS A 104 12.21 5.04 -8.53
C LYS A 104 10.68 5.08 -8.62
N GLY A 105 10.07 4.04 -8.05
CA GLY A 105 8.63 3.99 -7.86
C GLY A 105 8.37 4.03 -6.37
N THR A 106 7.27 3.43 -5.94
CA THR A 106 6.88 3.41 -4.53
C THR A 106 7.02 2.00 -3.98
N TYR A 107 7.44 1.91 -2.71
CA TYR A 107 7.74 0.64 -2.07
C TYR A 107 6.65 0.23 -1.10
N PHE A 108 6.25 -1.03 -1.16
CA PHE A 108 5.28 -1.62 -0.25
C PHE A 108 5.80 -2.87 0.45
N ALA A 109 5.51 -2.99 1.75
CA ALA A 109 5.93 -4.14 2.55
C ALA A 109 4.87 -5.25 2.68
N VAL A 110 5.33 -6.50 2.54
CA VAL A 110 4.53 -7.70 2.85
C VAL A 110 4.14 -7.75 4.34
N ASN A 111 5.10 -7.43 5.21
CA ASN A 111 4.92 -7.42 6.66
C ASN A 111 4.97 -6.00 7.21
N ALA A 112 4.13 -5.72 8.20
CA ALA A 112 3.99 -4.36 8.71
C ALA A 112 5.21 -3.88 9.49
N ASN A 113 5.93 -4.80 10.14
CA ASN A 113 7.13 -4.43 10.91
C ASN A 113 8.23 -3.79 10.06
N TYR A 114 8.23 -4.08 8.76
CA TYR A 114 9.11 -3.36 7.83
C TYR A 114 8.69 -1.88 7.79
N SER A 115 7.42 -1.65 7.48
CA SER A 115 6.85 -0.32 7.36
C SER A 115 6.85 0.46 8.69
N ALA A 116 6.75 -0.27 9.79
CA ALA A 116 6.77 0.29 11.14
C ALA A 116 8.11 0.92 11.53
N ASN A 117 9.19 0.61 10.80
CA ASN A 117 10.49 1.24 11.02
C ASN A 117 10.41 2.78 11.00
N ASP A 118 11.07 3.44 11.94
CA ASP A 118 10.98 4.93 12.06
C ASP A 118 11.44 5.70 10.82
N THR A 119 12.21 5.03 9.95
CA THR A 119 12.69 5.63 8.71
C THR A 119 11.53 5.90 7.74
N TYR A 120 10.51 5.06 7.81
CA TYR A 120 9.36 5.15 6.92
C TYR A 120 8.16 5.72 7.64
N SER A 121 7.70 5.04 8.70
CA SER A 121 6.64 5.59 9.54
C SER A 121 7.26 6.51 10.60
N ARG A 122 7.78 7.65 10.16
CA ARG A 122 8.45 8.60 11.05
C ARG A 122 7.55 9.02 12.19
N PRO A 123 8.01 8.88 13.45
CA PRO A 123 7.19 9.36 14.55
C PRO A 123 7.06 10.89 14.54
N ASP A 124 5.85 11.41 14.67
CA ASP A 124 5.63 12.86 14.66
C ASP A 124 6.03 13.50 16.00
N ALA A 125 5.69 14.77 16.22
CA ALA A 125 6.08 15.45 17.45
C ALA A 125 5.32 14.93 18.66
N ASN A 126 4.18 14.27 18.43
CA ASN A 126 3.40 13.64 19.52
C ASN A 126 3.70 12.16 19.71
N GLY A 127 4.56 11.59 18.86
CA GLY A 127 4.96 10.19 18.99
C GLY A 127 4.18 9.23 18.11
N ARG A 128 3.21 9.74 17.35
CA ARG A 128 2.37 8.89 16.48
C ARG A 128 3.07 8.53 15.19
N LYS A 129 2.89 7.27 14.79
CA LYS A 129 3.47 6.69 13.58
C LYS A 129 2.33 6.22 12.69
N HIS A 130 2.52 6.34 11.38
CA HIS A 130 1.47 6.15 10.41
C HIS A 130 1.82 5.11 9.34
N VAL A 131 1.00 4.06 9.22
CA VAL A 131 1.19 3.01 8.21
C VAL A 131 -0.15 2.73 7.50
N TYR A 132 -0.14 2.86 6.17
CA TYR A 132 -1.28 2.52 5.32
C TYR A 132 -1.34 1.02 5.02
N TYR A 133 -2.53 0.43 5.06
CA TYR A 133 -2.73 -0.94 4.57
C TYR A 133 -3.34 -0.78 3.18
N VAL A 134 -2.53 -1.08 2.16
CA VAL A 134 -2.77 -0.65 0.79
C VAL A 134 -3.12 -1.84 -0.10
N ARG A 135 -4.07 -1.63 -1.03
CA ARG A 135 -4.35 -2.59 -2.08
C ARG A 135 -3.43 -2.28 -3.25
N VAL A 136 -2.61 -3.25 -3.63
CA VAL A 136 -1.57 -3.01 -4.63
C VAL A 136 -1.68 -4.04 -5.76
N LEU A 137 -1.62 -3.57 -6.99
CA LEU A 137 -1.61 -4.44 -8.16
C LEU A 137 -0.19 -4.90 -8.47
N THR A 138 0.29 -5.84 -7.66
CA THR A 138 1.62 -6.40 -7.84
C THR A 138 1.69 -7.12 -9.18
N GLY A 139 0.60 -7.75 -9.56
CA GLY A 139 0.47 -8.35 -10.88
C GLY A 139 1.55 -9.37 -11.09
N ILE A 140 2.24 -9.26 -12.21
CA ILE A 140 3.33 -10.16 -12.51
C ILE A 140 4.63 -9.38 -12.30
N TYR A 141 5.47 -9.94 -11.43
CA TYR A 141 6.69 -9.29 -10.97
C TYR A 141 7.92 -10.15 -11.24
N THR A 142 9.08 -9.53 -11.06
CA THR A 142 10.36 -10.20 -11.26
C THR A 142 11.34 -9.65 -10.24
N HIS A 143 12.54 -10.25 -10.17
CA HIS A 143 13.58 -9.75 -9.28
C HIS A 143 13.98 -8.33 -9.71
N GLY A 144 14.13 -7.45 -8.73
CA GLY A 144 14.42 -6.03 -9.00
C GLY A 144 15.84 -5.66 -8.69
N ASN A 145 16.53 -5.04 -9.66
CA ASN A 145 17.83 -4.44 -9.40
C ASN A 145 17.67 -2.98 -8.95
N HIS A 146 18.75 -2.39 -8.48
CA HIS A 146 18.74 -1.02 -7.98
C HIS A 146 19.12 -0.02 -9.09
N SER A 147 18.23 0.13 -10.05
CA SER A 147 18.38 1.10 -11.14
C SER A 147 17.24 0.94 -12.16
N LEU A 148 16.00 1.13 -11.69
CA LEU A 148 14.80 1.04 -12.54
C LEU A 148 13.90 2.26 -12.37
N ILE A 149 13.58 2.93 -13.48
CA ILE A 149 12.57 3.99 -13.50
C ILE A 149 11.19 3.40 -13.82
N VAL A 150 11.19 2.36 -14.67
CA VAL A 150 10.01 1.50 -14.91
C VAL A 150 10.45 0.03 -14.90
N PRO A 151 9.49 -0.92 -14.83
CA PRO A 151 9.87 -2.33 -14.86
C PRO A 151 10.45 -2.78 -16.20
N PRO A 152 11.35 -3.79 -16.20
CA PRO A 152 11.97 -4.25 -17.44
C PRO A 152 10.99 -5.04 -18.30
N SER A 153 11.41 -5.38 -19.52
CA SER A 153 10.54 -6.11 -20.44
C SER A 153 10.46 -7.59 -20.06
N LYS A 154 9.31 -8.20 -20.36
CA LYS A 154 9.10 -9.62 -20.10
C LYS A 154 9.73 -10.47 -21.19
N PRO A 159 9.74 -7.62 -28.28
CA PRO A 159 8.56 -7.07 -27.60
C PRO A 159 8.95 -5.89 -26.72
N THR A 160 7.93 -5.23 -26.16
CA THR A 160 8.13 -4.10 -25.26
C THR A 160 7.09 -4.01 -24.13
N ASP A 161 6.51 -5.15 -23.75
CA ASP A 161 5.54 -5.19 -22.62
C ASP A 161 6.23 -5.55 -21.31
N LEU A 162 5.96 -4.76 -20.27
CA LEU A 162 6.78 -4.75 -19.06
C LEU A 162 6.13 -5.47 -17.89
N TYR A 163 6.92 -5.74 -16.85
CA TYR A 163 6.41 -6.29 -15.60
C TYR A 163 5.55 -5.25 -14.90
N ASP A 164 4.75 -5.68 -13.93
CA ASP A 164 3.87 -4.80 -13.17
C ASP A 164 4.54 -4.24 -11.93
N THR A 165 5.38 -5.05 -11.30
CA THR A 165 6.17 -4.62 -10.16
C THR A 165 7.50 -5.38 -10.14
N VAL A 166 8.38 -5.01 -9.21
CA VAL A 166 9.56 -5.83 -8.90
C VAL A 166 9.58 -6.14 -7.41
N THR A 167 10.45 -7.06 -7.01
CA THR A 167 10.48 -7.55 -5.64
C THR A 167 11.91 -7.95 -5.24
N ASP A 168 12.15 -8.03 -3.93
CA ASP A 168 13.44 -8.52 -3.44
C ASP A 168 13.68 -10.01 -3.78
N ASN A 169 12.63 -10.82 -3.69
CA ASN A 169 12.71 -12.25 -4.00
C ASN A 169 11.40 -12.72 -4.61
N VAL A 170 11.49 -13.43 -5.73
CA VAL A 170 10.29 -13.81 -6.49
C VAL A 170 9.49 -14.93 -5.81
N HIS A 171 10.18 -15.88 -5.19
CA HIS A 171 9.49 -16.98 -4.51
C HIS A 171 9.04 -16.66 -3.09
N HIS A 172 9.86 -15.89 -2.36
CA HIS A 172 9.53 -15.47 -1.01
C HIS A 172 9.71 -13.96 -0.89
N PRO A 173 8.72 -13.18 -1.38
CA PRO A 173 8.80 -11.72 -1.38
C PRO A 173 8.57 -11.09 -0.01
N SER A 174 9.29 -10.02 0.27
CA SER A 174 9.07 -9.21 1.47
C SER A 174 8.80 -7.74 1.16
N LEU A 175 9.13 -7.29 -0.06
CA LEU A 175 8.68 -5.99 -0.54
C LEU A 175 8.45 -5.98 -2.05
N PHE A 176 7.60 -5.05 -2.48
CA PHE A 176 7.34 -4.80 -3.89
C PHE A 176 7.55 -3.34 -4.19
N VAL A 177 7.88 -3.06 -5.46
CA VAL A 177 7.99 -1.71 -5.97
C VAL A 177 7.03 -1.50 -7.15
N ALA A 178 6.09 -0.57 -6.99
CA ALA A 178 5.15 -0.18 -8.03
C ALA A 178 5.58 1.14 -8.68
N PHE A 179 5.46 1.23 -10.01
CA PHE A 179 6.00 2.35 -10.80
C PHE A 179 4.97 3.22 -11.55
N TYR A 180 3.70 2.86 -11.53
CA TYR A 180 2.69 3.55 -12.34
C TYR A 180 1.60 4.21 -11.49
N ASP A 181 0.97 5.21 -12.08
CA ASP A 181 -0.17 5.89 -11.45
C ASP A 181 -1.31 4.91 -11.26
N TYR A 182 -2.07 5.10 -10.18
CA TYR A 182 -3.30 4.32 -9.91
C TYR A 182 -3.07 2.80 -9.82
N GLN A 183 -1.88 2.40 -9.37
CA GLN A 183 -1.58 0.99 -9.19
C GLN A 183 -1.73 0.61 -7.72
N ALA A 184 -1.99 1.60 -6.87
CA ALA A 184 -2.17 1.37 -5.44
C ALA A 184 -3.33 2.21 -4.91
N TYR A 185 -4.09 1.65 -3.97
CA TYR A 185 -5.10 2.41 -3.28
C TYR A 185 -4.85 2.34 -1.78
N PRO A 186 -4.74 3.50 -1.12
CA PRO A 186 -4.48 3.58 0.31
C PRO A 186 -5.75 3.37 1.12
N GLU A 187 -6.23 2.14 1.18
CA GLU A 187 -7.58 1.87 1.67
C GLU A 187 -7.75 2.20 3.15
N TYR A 188 -6.78 1.77 3.96
CA TYR A 188 -6.82 1.99 5.40
C TYR A 188 -5.56 2.70 5.89
N LEU A 189 -5.73 3.60 6.85
CA LEU A 189 -4.59 4.18 7.57
C LEU A 189 -4.58 3.68 9.01
N ILE A 190 -3.43 3.20 9.48
CA ILE A 190 -3.25 2.79 10.87
C ILE A 190 -2.39 3.83 11.59
N THR A 191 -2.98 4.55 12.54
CA THR A 191 -2.23 5.43 13.44
C THR A 191 -1.92 4.62 14.69
N PHE A 192 -0.65 4.60 15.09
CA PHE A 192 -0.22 3.78 16.22
C PHE A 192 1.03 4.36 16.88
N ARG A 193 1.45 3.76 17.99
CA ARG A 193 2.67 4.19 18.67
C ARG A 193 3.38 3.04 19.38
N LYS A 194 4.62 3.28 19.80
CA LYS A 194 5.42 2.29 20.50
C LYS A 194 4.69 1.68 21.69
#